data_4KQT
#
_entry.id   4KQT
#
_cell.length_a   109.849
_cell.length_b   109.849
_cell.length_c   163.704
_cell.angle_alpha   90.000
_cell.angle_beta   90.000
_cell.angle_gamma   120.000
#
_symmetry.space_group_name_H-M   'H 3 2'
#
loop_
_entity.id
_entity.type
_entity.pdbx_description
1 polymer 'Putative outer membrane chaperone (OmpH-like)'
2 non-polymer DI(HYDROXYETHYL)ETHER
3 non-polymer 'TRIETHYLENE GLYCOL'
4 water water
#
_entity_poly.entity_id   1
_entity_poly.type   'polypeptide(L)'
_entity_poly.pdbx_seq_one_letter_code
;(MSE)GSDKIHHHHHHENLYFQGTHGPALPGVCIFSSPRAVGSSLVGKAVDARLKTIIQQVNAELTGERTALDNEAKALD
AKKTTIAQDALEQQAATLQAKANAWQRKGQLRQKEVEATEQKALSRVYQELNTPIQQVYQAQKCSVLLDREAV(MSE)LA
NPA(MSE)DITDAVVAALDARIKTLTFDRERLDQQVPGAAALQPTNK
;
_entity_poly.pdbx_strand_id   A
#
loop_
_chem_comp.id
_chem_comp.type
_chem_comp.name
_chem_comp.formula
PEG non-polymer DI(HYDROXYETHYL)ETHER 'C4 H10 O3'
PGE non-polymer 'TRIETHYLENE GLYCOL' 'C6 H14 O4'
#
# COMPACT_ATOMS: atom_id res chain seq x y z
N LEU A 15 -14.38 -21.90 5.67
CA LEU A 15 -15.28 -22.92 5.04
C LEU A 15 -14.56 -23.66 3.89
N TYR A 16 -13.58 -24.50 4.24
CA TYR A 16 -12.84 -25.30 3.23
C TYR A 16 -13.69 -26.53 2.83
N PHE A 17 -14.34 -26.42 1.67
CA PHE A 17 -15.34 -27.40 1.23
C PHE A 17 -14.75 -28.60 0.50
N GLN A 18 -15.13 -29.79 0.95
CA GLN A 18 -14.69 -31.04 0.35
C GLN A 18 -15.91 -31.90 0.03
N GLY A 19 -16.83 -31.32 -0.73
CA GLY A 19 -18.09 -32.00 -1.10
C GLY A 19 -18.52 -31.66 -2.51
N THR A 20 -19.82 -31.84 -2.78
CA THR A 20 -20.38 -31.67 -4.10
C THR A 20 -21.20 -30.39 -4.24
N HIS A 21 -20.92 -29.65 -5.30
CA HIS A 21 -21.72 -28.50 -5.66
C HIS A 21 -22.80 -28.92 -6.62
N GLY A 22 -23.92 -28.20 -6.61
CA GLY A 22 -24.95 -28.38 -7.62
C GLY A 22 -24.41 -27.85 -8.93
N PRO A 23 -25.11 -28.11 -10.05
CA PRO A 23 -24.61 -27.68 -11.36
C PRO A 23 -24.53 -26.16 -11.48
N ALA A 24 -23.54 -25.67 -12.24
CA ALA A 24 -23.40 -24.24 -12.51
C ALA A 24 -24.74 -23.66 -12.97
N LEU A 25 -25.06 -22.47 -12.49
CA LEU A 25 -26.29 -21.80 -12.88
C LEU A 25 -25.97 -20.92 -14.09
N PRO A 26 -26.83 -20.96 -15.12
CA PRO A 26 -26.49 -20.15 -16.29
C PRO A 26 -26.60 -18.66 -15.99
N GLY A 27 -25.65 -17.89 -16.51
CA GLY A 27 -25.66 -16.44 -16.35
C GLY A 27 -25.21 -15.88 -15.01
N VAL A 28 -25.06 -16.74 -14.00
CA VAL A 28 -24.62 -16.30 -12.69
C VAL A 28 -23.09 -16.37 -12.60
N CYS A 29 -22.49 -15.24 -12.25
CA CYS A 29 -21.03 -15.14 -12.13
C CYS A 29 -20.66 -14.54 -10.80
N ILE A 30 -19.49 -14.92 -10.29
CA ILE A 30 -19.02 -14.48 -8.99
C ILE A 30 -17.61 -13.94 -9.13
N PHE A 31 -17.28 -12.90 -8.37
CA PHE A 31 -15.97 -12.24 -8.46
C PHE A 31 -15.48 -11.62 -7.15
N SER A 32 -14.19 -11.81 -6.85
CA SER A 32 -13.55 -11.24 -5.66
C SER A 32 -12.51 -10.17 -6.02
N SER A 33 -12.83 -8.90 -5.76
CA SER A 33 -11.87 -7.82 -6.00
C SER A 33 -10.55 -7.99 -5.28
N PRO A 34 -10.60 -8.20 -3.94
CA PRO A 34 -9.33 -8.33 -3.19
C PRO A 34 -8.48 -9.51 -3.62
N ARG A 35 -9.09 -10.67 -3.76
CA ARG A 35 -8.36 -11.85 -4.22
C ARG A 35 -7.75 -11.59 -5.58
N ALA A 36 -8.45 -10.86 -6.44
CA ALA A 36 -7.93 -10.55 -7.78
C ALA A 36 -6.70 -9.63 -7.74
N VAL A 37 -6.68 -8.61 -6.90
CA VAL A 37 -5.50 -7.74 -6.85
C VAL A 37 -4.32 -8.52 -6.25
N GLY A 38 -4.56 -9.23 -5.16
CA GLY A 38 -3.50 -10.02 -4.51
C GLY A 38 -2.87 -11.04 -5.45
N SER A 39 -3.70 -11.67 -6.28
CA SER A 39 -3.24 -12.66 -7.24
C SER A 39 -2.59 -12.06 -8.49
N SER A 40 -2.91 -10.81 -8.82
CA SER A 40 -2.40 -10.19 -10.05
C SER A 40 -0.93 -9.81 -9.95
N LEU A 41 -0.29 -9.71 -11.10
CA LEU A 41 1.11 -9.27 -11.17
C LEU A 41 1.21 -7.80 -10.78
N VAL A 42 0.32 -6.98 -11.31
CA VAL A 42 0.33 -5.55 -11.01
C VAL A 42 0.12 -5.32 -9.50
N GLY A 43 -0.79 -6.07 -8.89
CA GLY A 43 -1.03 -5.92 -7.46
C GLY A 43 0.20 -6.26 -6.64
N LYS A 44 0.88 -7.34 -7.01
CA LYS A 44 2.09 -7.75 -6.31
C LYS A 44 3.20 -6.73 -6.53
N ALA A 45 3.26 -6.14 -7.71
CA ALA A 45 4.22 -5.09 -8.02
C ALA A 45 3.99 -3.86 -7.13
N VAL A 46 2.73 -3.55 -6.87
CA VAL A 46 2.39 -2.44 -5.99
C VAL A 46 2.86 -2.69 -4.56
N ASP A 47 2.61 -3.88 -4.01
CA ASP A 47 3.07 -4.21 -2.65
C ASP A 47 4.58 -4.10 -2.55
N ALA A 48 5.28 -4.69 -3.52
CA ALA A 48 6.74 -4.62 -3.59
C ALA A 48 7.26 -3.19 -3.63
N ARG A 49 6.58 -2.33 -4.39
CA ARG A 49 7.00 -0.95 -4.53
C ARG A 49 6.68 -0.13 -3.28
N LEU A 50 5.52 -0.37 -2.69
CA LEU A 50 5.18 0.27 -1.44
C LEU A 50 6.13 -0.16 -0.34
N LYS A 51 6.45 -1.45 -0.33
CA LYS A 51 7.37 -1.99 0.67
C LYS A 51 8.72 -1.29 0.55
N THR A 52 9.13 -1.03 -0.68
CA THR A 52 10.38 -0.36 -0.97
C THR A 52 10.31 1.05 -0.42
N ILE A 53 9.29 1.79 -0.81
CA ILE A 53 9.11 3.19 -0.37
C ILE A 53 9.08 3.30 1.18
N ILE A 54 8.44 2.35 1.84
CA ILE A 54 8.39 2.35 3.30
C ILE A 54 9.78 2.14 3.88
N GLN A 55 10.50 1.14 3.35
CA GLN A 55 11.88 0.88 3.78
C GLN A 55 12.78 2.10 3.58
N GLN A 56 12.58 2.84 2.50
CA GLN A 56 13.36 4.04 2.21
C GLN A 56 13.05 5.18 3.18
N VAL A 57 11.78 5.28 3.58
CA VAL A 57 11.37 6.25 4.59
C VAL A 57 11.97 5.91 5.95
N ASN A 58 11.93 4.62 6.32
CA ASN A 58 12.48 4.22 7.61
C ASN A 58 13.96 4.57 7.66
N ALA A 59 14.68 4.23 6.59
CA ALA A 59 16.11 4.51 6.47
C ALA A 59 16.39 5.98 6.63
N GLU A 60 15.55 6.82 6.01
CA GLU A 60 15.68 8.26 6.12
C GLU A 60 15.62 8.74 7.57
N LEU A 61 14.55 8.35 8.26
CA LEU A 61 14.29 8.81 9.62
C LEU A 61 15.26 8.21 10.64
N THR A 62 15.67 6.97 10.42
CA THR A 62 16.65 6.32 11.30
C THR A 62 17.98 7.03 11.18
N GLY A 63 18.37 7.38 9.95
CA GLY A 63 19.62 8.07 9.71
C GLY A 63 19.65 9.41 10.43
N GLU A 64 18.59 10.20 10.22
CA GLU A 64 18.47 11.51 10.86
C GLU A 64 18.53 11.43 12.37
N ARG A 65 17.85 10.43 12.93
CA ARG A 65 17.81 10.23 14.38
C ARG A 65 19.20 9.92 14.96
N THR A 66 19.95 9.06 14.27
CA THR A 66 21.31 8.75 14.68
C THR A 66 22.16 10.01 14.84
N ALA A 67 21.99 10.96 13.91
CA ALA A 67 22.71 12.21 13.97
C ALA A 67 22.28 13.02 15.18
N LEU A 68 20.98 13.02 15.47
CA LEU A 68 20.44 13.74 16.62
C LEU A 68 20.97 13.19 17.92
N ASP A 69 20.92 11.86 18.07
CA ASP A 69 21.43 11.21 19.27
C ASP A 69 22.93 11.51 19.46
N ASN A 70 23.68 11.55 18.35
CA ASN A 70 25.10 11.91 18.40
C ASN A 70 25.31 13.34 18.89
N GLU A 71 24.50 14.27 18.41
CA GLU A 71 24.56 15.67 18.85
C GLU A 71 24.17 15.82 20.33
N ALA A 72 23.23 14.99 20.79
CA ALA A 72 22.81 15.00 22.19
C ALA A 72 23.92 14.49 23.12
N LYS A 73 24.55 13.37 22.75
CA LYS A 73 25.70 12.83 23.51
C LYS A 73 26.86 13.81 23.50
N ALA A 74 27.10 14.43 22.35
CA ALA A 74 28.15 15.44 22.19
C ALA A 74 27.93 16.60 23.14
N LEU A 75 26.69 17.05 23.22
CA LEU A 75 26.33 18.19 24.09
C LEU A 75 26.43 17.79 25.54
N ASP A 76 25.94 16.61 25.88
CA ASP A 76 25.94 16.14 27.26
C ASP A 76 27.36 16.07 27.80
N ALA A 77 28.26 15.48 27.02
CA ALA A 77 29.67 15.38 27.40
C ALA A 77 30.37 16.73 27.56
N LYS A 78 29.80 17.77 26.96
CA LYS A 78 30.39 19.10 26.90
C LYS A 78 29.80 20.11 27.90
N LYS A 79 28.63 19.80 28.49
CA LYS A 79 27.86 20.78 29.29
C LYS A 79 28.65 21.54 30.35
N THR A 80 29.55 20.85 31.06
CA THR A 80 30.36 21.47 32.12
C THR A 80 31.67 22.06 31.58
N THR A 81 31.61 22.70 30.41
CA THR A 81 32.77 23.33 29.75
C THR A 81 32.38 24.67 29.15
N ILE A 82 31.29 24.67 28.39
CA ILE A 82 30.76 25.88 27.74
C ILE A 82 29.87 26.70 28.67
N ALA A 83 29.67 27.97 28.30
CA ALA A 83 28.80 28.88 29.05
C ALA A 83 27.36 28.36 29.16
N GLN A 84 26.68 28.71 30.26
CA GLN A 84 25.28 28.35 30.45
C GLN A 84 24.40 28.89 29.30
N ASP A 85 24.74 30.09 28.81
CA ASP A 85 24.03 30.73 27.70
C ASP A 85 24.12 29.92 26.43
N ALA A 86 25.35 29.50 26.10
CA ALA A 86 25.62 28.68 24.92
C ALA A 86 24.96 27.30 25.01
N LEU A 87 25.00 26.71 26.20
CA LEU A 87 24.36 25.43 26.47
C LEU A 87 22.85 25.50 26.22
N GLU A 88 22.21 26.52 26.79
CA GLU A 88 20.78 26.75 26.59
C GLU A 88 20.45 26.89 25.09
N GLN A 89 21.30 27.67 24.39
CA GLN A 89 21.16 27.90 22.95
C GLN A 89 21.20 26.62 22.13
N GLN A 90 22.21 25.81 22.39
CA GLN A 90 22.43 24.58 21.65
C GLN A 90 21.38 23.53 21.95
N ALA A 91 20.97 23.43 23.21
CA ALA A 91 19.93 22.49 23.60
C ALA A 91 18.59 22.89 22.99
N ALA A 92 18.31 24.19 22.95
CA ALA A 92 17.07 24.71 22.34
C ALA A 92 17.01 24.36 20.85
N THR A 93 18.14 24.54 20.17
CA THR A 93 18.31 24.20 18.74
C THR A 93 18.04 22.71 18.52
N LEU A 94 18.73 21.89 19.29
CA LEU A 94 18.61 20.44 19.21
C LEU A 94 17.20 19.97 19.53
N GLN A 95 16.56 20.64 20.49
CA GLN A 95 15.19 20.35 20.87
C GLN A 95 14.22 20.65 19.73
N ALA A 96 14.50 21.69 18.95
CA ALA A 96 13.66 22.06 17.81
C ALA A 96 13.84 21.09 16.63
N LYS A 97 15.08 20.65 16.41
CA LYS A 97 15.39 19.65 15.39
C LYS A 97 14.65 18.34 15.69
N ALA A 98 14.61 18.00 16.98
CA ALA A 98 13.93 16.80 17.43
C ALA A 98 12.45 16.86 17.14
N ASN A 99 11.84 18.01 17.41
CA ASN A 99 10.41 18.17 17.15
C ASN A 99 10.07 18.09 15.67
N ALA A 100 10.91 18.73 14.85
CA ALA A 100 10.73 18.72 13.40
C ALA A 100 10.88 17.30 12.82
N TRP A 101 11.66 16.48 13.51
CA TRP A 101 11.86 15.08 13.13
C TRP A 101 10.57 14.31 13.39
N GLN A 102 9.98 14.50 14.56
CA GLN A 102 8.67 13.91 14.86
C GLN A 102 7.62 14.38 13.88
N ARG A 103 7.61 15.67 13.57
CA ARG A 103 6.66 16.22 12.60
C ARG A 103 6.84 15.55 11.24
N LYS A 104 8.09 15.29 10.88
CA LYS A 104 8.43 14.62 9.63
C LYS A 104 7.89 13.19 9.62
N GLY A 105 8.19 12.45 10.68
CA GLY A 105 7.67 11.10 10.85
C GLY A 105 6.18 11.02 10.55
N GLN A 106 5.42 11.94 11.14
CA GLN A 106 3.97 12.03 10.93
C GLN A 106 3.59 12.44 9.51
N LEU A 107 4.38 13.30 8.89
CA LEU A 107 4.12 13.69 7.51
C LEU A 107 4.28 12.49 6.61
N ARG A 108 5.42 11.82 6.74
CA ARG A 108 5.74 10.66 5.92
C ARG A 108 4.66 9.59 6.05
N GLN A 109 4.21 9.34 7.28
CA GLN A 109 3.19 8.33 7.50
C GLN A 109 1.96 8.61 6.63
N LYS A 110 1.47 9.85 6.66
CA LYS A 110 0.35 10.27 5.81
C LYS A 110 0.70 10.24 4.33
N GLU A 111 1.94 10.59 3.99
CA GLU A 111 2.40 10.54 2.59
C GLU A 111 2.38 9.11 2.05
N VAL A 112 2.77 8.16 2.89
CA VAL A 112 2.78 6.75 2.53
C VAL A 112 1.35 6.27 2.35
N GLU A 113 0.49 6.57 3.31
CA GLU A 113 -0.91 6.15 3.26
C GLU A 113 -1.59 6.66 1.99
N ALA A 114 -1.27 7.89 1.58
CA ALA A 114 -1.84 8.45 0.35
C ALA A 114 -1.27 7.78 -0.90
N THR A 115 0.03 7.43 -0.85
CA THR A 115 0.67 6.72 -1.95
C THR A 115 -0.01 5.37 -2.15
N GLU A 116 -0.28 4.71 -1.04
CA GLU A 116 -0.95 3.42 -1.03
C GLU A 116 -2.33 3.51 -1.68
N GLN A 117 -3.13 4.48 -1.23
CA GLN A 117 -4.47 4.66 -1.78
C GLN A 117 -4.46 5.04 -3.25
N LYS A 118 -3.63 6.00 -3.64
CA LYS A 118 -3.58 6.39 -5.05
C LYS A 118 -3.29 5.17 -5.92
N ALA A 119 -2.39 4.31 -5.45
CA ALA A 119 -1.99 3.10 -6.18
C ALA A 119 -3.12 2.10 -6.33
N LEU A 120 -3.72 1.70 -5.21
CA LEU A 120 -4.87 0.78 -5.22
C LEU A 120 -6.00 1.33 -6.09
N SER A 121 -6.35 2.58 -5.85
CA SER A 121 -7.35 3.27 -6.66
C SER A 121 -7.05 3.06 -8.15
N ARG A 122 -5.78 3.23 -8.53
CA ARG A 122 -5.35 3.02 -9.91
C ARG A 122 -5.43 1.55 -10.39
N VAL A 123 -5.20 0.59 -9.49
CA VAL A 123 -5.33 -0.83 -9.85
C VAL A 123 -6.78 -1.14 -10.17
N TYR A 124 -7.68 -0.75 -9.26
CA TYR A 124 -9.11 -0.91 -9.45
C TYR A 124 -9.57 -0.36 -10.80
N GLN A 125 -8.96 0.74 -11.27
CA GLN A 125 -9.26 1.27 -12.62
C GLN A 125 -8.92 0.25 -13.67
N GLU A 126 -7.74 -0.36 -13.54
CA GLU A 126 -7.25 -1.33 -14.51
C GLU A 126 -8.07 -2.63 -14.56
N LEU A 127 -8.84 -2.91 -13.50
CA LEU A 127 -9.73 -4.07 -13.48
C LEU A 127 -11.02 -3.89 -14.28
N ASN A 128 -11.48 -2.65 -14.38
CA ASN A 128 -12.73 -2.33 -15.09
CA ASN A 128 -12.75 -2.39 -15.05
C ASN A 128 -12.86 -3.09 -16.40
N THR A 129 -11.89 -2.91 -17.29
CA THR A 129 -11.96 -3.54 -18.62
C THR A 129 -11.87 -5.08 -18.60
N PRO A 130 -10.87 -5.65 -17.89
CA PRO A 130 -10.80 -7.11 -17.77
C PRO A 130 -12.08 -7.73 -17.24
N ILE A 131 -12.71 -7.09 -16.25
CA ILE A 131 -13.97 -7.58 -15.72
C ILE A 131 -14.99 -7.63 -16.83
N GLN A 132 -15.10 -6.53 -17.58
CA GLN A 132 -16.07 -6.44 -18.67
C GLN A 132 -15.85 -7.50 -19.73
N GLN A 133 -14.59 -7.72 -20.10
CA GLN A 133 -14.26 -8.73 -21.10
C GLN A 133 -14.72 -10.13 -20.68
N VAL A 134 -14.36 -10.52 -19.45
CA VAL A 134 -14.67 -11.86 -18.94
C VAL A 134 -16.18 -12.02 -18.69
N TYR A 135 -16.81 -10.95 -18.21
CA TYR A 135 -18.27 -10.91 -17.99
C TYR A 135 -18.99 -11.32 -19.26
N GLN A 136 -18.63 -10.68 -20.37
CA GLN A 136 -19.23 -10.95 -21.68
C GLN A 136 -18.82 -12.29 -22.26
N ALA A 137 -17.55 -12.65 -22.13
CA ALA A 137 -17.06 -13.95 -22.61
C ALA A 137 -17.86 -15.08 -21.96
N GLN A 138 -18.05 -14.99 -20.65
CA GLN A 138 -18.82 -15.97 -19.89
C GLN A 138 -20.34 -15.80 -20.00
N LYS A 139 -20.78 -14.76 -20.69
CA LYS A 139 -22.21 -14.47 -20.91
C LYS A 139 -23.00 -14.35 -19.60
N CYS A 140 -22.46 -13.60 -18.65
CA CYS A 140 -23.14 -13.43 -17.37
C CYS A 140 -24.29 -12.46 -17.52
N SER A 141 -25.37 -12.76 -16.80
CA SER A 141 -26.50 -11.85 -16.64
C SER A 141 -26.33 -11.05 -15.35
N VAL A 142 -25.57 -11.60 -14.40
CA VAL A 142 -25.32 -10.96 -13.10
C VAL A 142 -23.95 -11.35 -12.53
N LEU A 143 -23.27 -10.38 -11.91
CA LEU A 143 -21.94 -10.58 -11.34
C LEU A 143 -22.00 -10.34 -9.84
N LEU A 144 -21.93 -11.42 -9.07
CA LEU A 144 -22.01 -11.33 -7.62
C LEU A 144 -20.64 -11.07 -6.98
N ASP A 145 -20.65 -10.29 -5.91
CA ASP A 145 -19.45 -10.01 -5.12
C ASP A 145 -19.23 -11.23 -4.20
N ARG A 146 -18.02 -11.78 -4.24
CA ARG A 146 -17.63 -12.95 -3.43
C ARG A 146 -17.89 -12.77 -1.95
N GLU A 147 -17.82 -11.53 -1.46
CA GLU A 147 -18.09 -11.22 -0.06
C GLU A 147 -19.56 -11.45 0.30
N ALA A 148 -20.40 -11.77 -0.68
CA ALA A 148 -21.81 -12.09 -0.45
C ALA A 148 -22.11 -13.58 -0.62
N VAL A 149 -21.08 -14.38 -0.91
CA VAL A 149 -21.24 -15.80 -1.19
C VAL A 149 -20.31 -16.62 -0.32
N MSE A 150 -20.89 -17.54 0.43
CA MSE A 150 -20.14 -18.40 1.35
C MSE A 150 -19.60 -19.65 0.64
O MSE A 150 -18.52 -20.12 0.95
CB MSE A 150 -21.02 -18.81 2.52
CG MSE A 150 -21.72 -17.62 3.15
SE MSE A 150 -22.10 -17.92 5.02
CE MSE A 150 -23.04 -16.24 5.42
N LEU A 151 -20.38 -20.18 -0.31
CA LEU A 151 -20.01 -21.36 -1.08
C LEU A 151 -20.63 -21.34 -2.46
N ALA A 152 -19.88 -21.80 -3.45
CA ALA A 152 -20.42 -21.91 -4.80
C ALA A 152 -19.58 -22.81 -5.68
N ASN A 153 -20.22 -23.32 -6.72
CA ASN A 153 -19.54 -24.10 -7.74
C ASN A 153 -18.46 -23.22 -8.35
N PRO A 154 -17.17 -23.59 -8.18
CA PRO A 154 -16.07 -22.74 -8.66
C PRO A 154 -16.18 -22.36 -10.14
N ALA A 155 -16.91 -23.16 -10.91
CA ALA A 155 -17.21 -22.88 -12.32
C ALA A 155 -17.76 -21.47 -12.54
N MSE A 156 -18.57 -20.99 -11.60
CA MSE A 156 -19.16 -19.66 -11.69
C MSE A 156 -18.24 -18.53 -11.23
O MSE A 156 -18.54 -17.36 -11.47
CB MSE A 156 -20.46 -19.60 -10.90
CG MSE A 156 -21.52 -20.57 -11.36
SE MSE A 156 -23.13 -20.51 -10.25
CE MSE A 156 -22.44 -21.38 -8.66
N ASP A 157 -17.14 -18.86 -10.55
CA ASP A 157 -16.19 -17.82 -10.12
C ASP A 157 -15.26 -17.44 -11.27
N ILE A 158 -15.31 -16.18 -11.68
CA ILE A 158 -14.52 -15.71 -12.81
C ILE A 158 -13.26 -14.95 -12.39
N THR A 159 -12.93 -14.99 -11.11
CA THR A 159 -11.82 -14.19 -10.60
C THR A 159 -10.51 -14.48 -11.34
N ASP A 160 -10.19 -15.75 -11.52
CA ASP A 160 -8.91 -16.14 -12.14
C ASP A 160 -8.85 -15.71 -13.58
N ALA A 161 -9.94 -15.93 -14.32
CA ALA A 161 -10.01 -15.51 -15.70
C ALA A 161 -9.69 -14.03 -15.82
N VAL A 162 -10.20 -13.23 -14.89
CA VAL A 162 -9.95 -11.77 -14.87
C VAL A 162 -8.49 -11.46 -14.56
N VAL A 163 -7.90 -12.20 -13.62
CA VAL A 163 -6.48 -12.00 -13.32
C VAL A 163 -5.65 -12.22 -14.59
N ALA A 164 -5.97 -13.28 -15.34
CA ALA A 164 -5.33 -13.57 -16.61
C ALA A 164 -5.53 -12.42 -17.59
N ALA A 165 -6.77 -11.95 -17.71
CA ALA A 165 -7.09 -10.85 -18.61
C ALA A 165 -6.32 -9.60 -18.24
N LEU A 166 -6.18 -9.34 -16.94
CA LEU A 166 -5.43 -8.18 -16.46
C LEU A 166 -3.93 -8.33 -16.68
N ASP A 167 -3.36 -9.47 -16.29
CA ASP A 167 -1.92 -9.73 -16.48
C ASP A 167 -1.49 -9.59 -17.95
N ALA A 168 -2.38 -9.93 -18.88
CA ALA A 168 -2.15 -9.71 -20.30
C ALA A 168 -2.05 -8.23 -20.64
N ARG A 169 -2.76 -7.40 -19.89
CA ARG A 169 -2.79 -5.96 -20.13
C ARG A 169 -1.74 -5.18 -19.36
N ILE A 170 -1.46 -5.57 -18.11
CA ILE A 170 -0.52 -4.82 -17.29
C ILE A 170 0.12 -5.69 -16.20
N LYS A 171 1.44 -5.58 -16.08
CA LYS A 171 2.23 -6.36 -15.12
C LYS A 171 2.90 -5.51 -14.06
N THR A 172 2.86 -4.19 -14.21
CA THR A 172 3.55 -3.32 -13.28
C THR A 172 3.00 -1.90 -13.30
N LEU A 173 3.41 -1.13 -12.32
CA LEU A 173 2.99 0.25 -12.17
C LEU A 173 4.10 0.98 -11.42
N THR A 174 4.63 2.03 -12.01
CA THR A 174 5.75 2.74 -11.39
C THR A 174 5.24 4.03 -10.79
N PHE A 175 5.69 4.32 -9.57
CA PHE A 175 5.26 5.51 -8.83
C PHE A 175 6.24 5.80 -7.70
N ASP A 176 6.26 7.07 -7.26
CA ASP A 176 7.12 7.50 -6.14
C ASP A 176 6.24 7.89 -4.98
N ARG A 177 6.86 8.19 -3.85
CA ARG A 177 6.12 8.59 -2.67
C ARG A 177 5.35 9.88 -2.98
N GLU A 178 4.16 10.00 -2.43
CA GLU A 178 3.30 11.16 -2.63
C GLU A 178 3.84 12.29 -1.75
N ARG A 179 3.80 13.53 -2.25
CA ARG A 179 4.33 14.69 -1.51
C ARG A 179 3.21 15.56 -0.94
N LEU A 180 3.21 15.75 0.38
CA LEU A 180 2.20 16.56 1.09
C LEU A 180 2.77 17.82 1.78
N ASP A 181 4.07 18.07 1.61
CA ASP A 181 4.75 19.25 2.18
C ASP A 181 4.30 20.57 1.51
N GLN A 182 4.03 20.50 0.20
CA GLN A 182 3.57 21.65 -0.57
C GLN A 182 2.17 22.09 -0.14
N GLN A 183 1.34 21.12 0.28
CA GLN A 183 -0.01 21.36 0.81
C GLN A 183 -0.89 22.17 -0.15
C1 PEG B . 11.75 8.23 0.89
O1 PEG B . 10.78 7.54 0.09
C2 PEG B . 12.54 9.25 0.06
O2 PEG B . 12.60 10.50 0.75
C3 PEG B . 13.23 11.55 -0.01
C4 PEG B . 12.57 12.90 0.31
O4 PEG B . 12.03 13.56 -0.86
C1 PEG C . 1.14 15.73 10.52
O1 PEG C . -0.21 15.41 10.91
C2 PEG C . 1.15 16.75 9.40
O2 PEG C . 0.30 16.31 8.33
C3 PEG C . 0.22 17.25 7.26
C4 PEG C . -0.91 16.84 6.31
O4 PEG C . -0.68 17.46 5.05
C1 PGE D . 15.70 16.77 23.26
O1 PGE D . 15.59 16.22 24.58
C2 PGE D . 16.97 16.26 22.58
O2 PGE D . 16.62 15.49 21.42
C3 PGE D . 17.58 14.47 21.14
C4 PGE D . 17.18 13.70 19.88
O4 PGE D . 13.03 12.47 19.24
C6 PGE D . 14.18 11.62 19.16
C5 PGE D . 15.47 12.40 18.87
O3 PGE D . 15.90 13.08 20.05
C1 PGE E . -20.01 -22.32 -18.50
O1 PGE E . -19.57 -22.57 -17.16
C2 PGE E . -19.69 -20.89 -18.91
O2 PGE E . -20.09 -20.70 -20.28
C3 PGE E . -19.71 -19.43 -20.83
C4 PGE E . -19.15 -19.51 -22.26
O4 PGE E . -15.80 -21.86 -20.17
C6 PGE E . -16.77 -22.01 -21.21
C5 PGE E . -17.03 -20.66 -21.88
O3 PGE E . -18.34 -20.68 -22.46
#